data_3ANV
#
_entry.id   3ANV
#
_cell.length_a   104.712
_cell.length_b   104.712
_cell.length_c   81.879
_cell.angle_alpha   90.00
_cell.angle_beta   90.00
_cell.angle_gamma   90.00
#
_symmetry.space_group_name_H-M   'P 4 2 2'
#
loop_
_entity.id
_entity.type
_entity.pdbx_description
1 polymer 'D-serine dehydratase'
2 non-polymer "PYRIDOXAL-5'-PHOSPHATE"
3 non-polymer 'CHLORIDE ION'
4 non-polymer 'ZINC ION'
5 non-polymer 3-amino-D-alanine
6 water water
#
_entity_poly.entity_id   1
_entity_poly.type   'polypeptide(L)'
_entity_poly.pdbx_seq_one_letter_code
;MWLGALLDTLPTPALTIDRTTARRNAERMRERCRALGVRLRPHVKTHKTLEGGLLATGGTRRGIAVSTLAEARFFADGGF
DDILLAYPVPTARLEECAGLARRLDAFHVLLDRPEALASLRQRPLGHGKRWLVWLKLDCGNGRAGVRPTDPAALELAQAI
ANDAPEEVTLVGVYAHCGNTYGCSGADTIQAIARTTTNAVLSFVAALRQAGVPCPQASIGSTPSCSHPIPEMSQLTELHP
GNYIFYDLQQTQLGSCQPQDVAIRVLTRVIGHYAHRGQLLVDCGWAALSLHGAGAGQGPQGCAAIDGHPELRLVGLTQEH
GLLEHAGGQMDFGRFPVGSVLALIPYHACATAAMHPVYYVHEEGKVVALWHPVRGW
;
_entity_poly.pdbx_strand_id   A
#
loop_
_chem_comp.id
_chem_comp.type
_chem_comp.name
_chem_comp.formula
CL non-polymer 'CHLORIDE ION' 'Cl -1'
PLP non-polymer PYRIDOXAL-5'-PHOSPHATE 'C8 H10 N O6 P'
ZN non-polymer 'ZINC ION' 'Zn 2'
#
# COMPACT_ATOMS: atom_id res chain seq x y z
N TRP A 2 -14.51 -20.85 -9.02
CA TRP A 2 -14.32 -21.56 -7.73
C TRP A 2 -15.30 -21.03 -6.72
N LEU A 3 -16.28 -20.25 -7.19
CA LEU A 3 -17.27 -19.66 -6.30
C LEU A 3 -18.01 -20.73 -5.51
N GLY A 4 -18.13 -20.53 -4.20
CA GLY A 4 -18.80 -21.49 -3.34
C GLY A 4 -17.86 -22.53 -2.76
N ALA A 5 -16.69 -22.69 -3.40
CA ALA A 5 -15.74 -23.72 -3.00
C ALA A 5 -15.16 -23.54 -1.61
N LEU A 6 -14.98 -24.66 -0.90
CA LEU A 6 -14.28 -24.65 0.38
C LEU A 6 -12.77 -24.42 0.21
N LEU A 7 -12.17 -23.67 1.13
CA LEU A 7 -10.80 -23.20 0.94
C LEU A 7 -9.81 -24.34 0.72
N ASP A 8 -10.01 -25.46 1.43
CA ASP A 8 -9.09 -26.59 1.35
C ASP A 8 -9.24 -27.34 0.04
N THR A 9 -10.16 -26.85 -0.79
CA THR A 9 -10.38 -27.40 -2.11
C THR A 9 -9.57 -26.70 -3.19
N LEU A 10 -9.02 -25.52 -2.89
CA LEU A 10 -8.33 -24.70 -3.89
C LEU A 10 -7.03 -25.32 -4.32
N PRO A 11 -6.59 -25.05 -5.54
CA PRO A 11 -5.27 -25.47 -5.97
C PRO A 11 -4.23 -24.57 -5.32
N THR A 12 -3.20 -25.15 -4.72
CA THR A 12 -2.22 -24.39 -3.95
C THR A 12 -0.92 -24.28 -4.75
N PRO A 13 -0.09 -23.27 -4.44
CA PRO A 13 -0.34 -22.28 -3.40
C PRO A 13 -1.39 -21.27 -3.86
N ALA A 14 -2.19 -20.76 -2.94
CA ALA A 14 -3.31 -19.91 -3.30
C ALA A 14 -3.33 -18.70 -2.40
N LEU A 15 -3.36 -17.50 -2.99
CA LEU A 15 -3.48 -16.31 -2.17
C LEU A 15 -4.95 -16.11 -1.81
N THR A 16 -5.27 -16.09 -0.52
CA THR A 16 -6.66 -15.93 -0.09
C THR A 16 -6.83 -14.64 0.70
N ILE A 17 -7.96 -14.00 0.48
CA ILE A 17 -8.30 -12.78 1.18
C ILE A 17 -9.64 -12.99 1.90
N ASP A 18 -9.66 -12.86 3.22
CA ASP A 18 -10.91 -12.93 3.99
C ASP A 18 -11.70 -11.64 3.73
N ARG A 19 -12.77 -11.71 2.94
CA ARG A 19 -13.52 -10.51 2.61
C ARG A 19 -14.10 -9.79 3.83
N THR A 20 -14.42 -10.54 4.89
CA THR A 20 -14.95 -9.93 6.12
C THR A 20 -13.88 -9.12 6.83
N THR A 21 -12.67 -9.67 6.89
CA THR A 21 -11.57 -8.91 7.46
C THR A 21 -11.22 -7.68 6.60
N ALA A 22 -11.14 -7.84 5.29
CA ALA A 22 -10.75 -6.72 4.44
C ALA A 22 -11.82 -5.60 4.42
N ARG A 23 -13.10 -6.00 4.38
CA ARG A 23 -14.20 -5.03 4.48
C ARG A 23 -14.10 -4.26 5.79
N ARG A 24 -13.87 -4.99 6.86
CA ARG A 24 -13.70 -4.38 8.17
C ARG A 24 -12.51 -3.39 8.18
N ASN A 25 -11.35 -3.80 7.68
CA ASN A 25 -10.19 -2.92 7.67
C ASN A 25 -10.50 -1.63 6.90
N ALA A 26 -11.18 -1.77 5.79
CA ALA A 26 -11.52 -0.64 4.93
C ALA A 26 -12.48 0.33 5.63
N GLU A 27 -13.50 -0.23 6.28
CA GLU A 27 -14.48 0.60 7.00
C GLU A 27 -13.86 1.26 8.23
N ARG A 28 -13.01 0.53 8.94
CA ARG A 28 -12.29 1.13 10.07
C ARG A 28 -11.44 2.35 9.66
N MET A 29 -10.70 2.25 8.55
CA MET A 29 -9.86 3.37 8.16
C MET A 29 -10.73 4.56 7.73
N ARG A 30 -11.86 4.26 7.11
CA ARG A 30 -12.79 5.29 6.70
C ARG A 30 -13.37 6.01 7.93
N GLU A 31 -13.62 5.25 8.99
CA GLU A 31 -14.15 5.86 10.20
C GLU A 31 -13.11 6.69 10.95
N ARG A 32 -11.87 6.21 11.00
CA ARG A 32 -10.81 6.97 11.63
C ARG A 32 -10.74 8.34 10.98
N CYS A 33 -10.72 8.36 9.66
CA CYS A 33 -10.69 9.61 8.92
C CYS A 33 -11.92 10.48 9.19
N ARG A 34 -13.10 9.87 9.23
CA ARG A 34 -14.31 10.65 9.55
C ARG A 34 -14.16 11.25 10.95
N ALA A 35 -13.66 10.48 11.91
CA ALA A 35 -13.53 11.02 13.25
C ALA A 35 -12.53 12.18 13.29
N LEU A 36 -11.51 12.13 12.43
CA LEU A 36 -10.49 13.16 12.40
C LEU A 36 -10.94 14.39 11.61
N GLY A 37 -11.95 14.23 10.77
CA GLY A 37 -12.39 15.29 9.90
C GLY A 37 -11.57 15.42 8.62
N VAL A 38 -10.93 14.34 8.19
CA VAL A 38 -10.07 14.39 7.02
C VAL A 38 -10.60 13.43 5.97
N ARG A 39 -10.21 13.60 4.71
CA ARG A 39 -10.58 12.64 3.69
C ARG A 39 -9.62 11.44 3.65
N LEU A 40 -10.09 10.31 3.16
CA LEU A 40 -9.23 9.13 2.97
C LEU A 40 -8.93 8.97 1.49
N ARG A 41 -7.66 8.93 1.09
CA ARG A 41 -7.29 8.60 -0.28
C ARG A 41 -6.48 7.31 -0.24
N PRO A 42 -7.15 6.16 -0.30
CA PRO A 42 -6.42 4.90 -0.17
C PRO A 42 -5.45 4.68 -1.31
N HIS A 43 -4.23 4.24 -0.99
CA HIS A 43 -3.28 3.86 -2.00
C HIS A 43 -3.61 2.44 -2.41
N VAL A 44 -3.66 2.15 -3.70
CA VAL A 44 -4.10 0.82 -4.15
C VAL A 44 -2.99 -0.19 -4.41
N LYS A 45 -1.74 0.19 -4.14
CA LYS A 45 -0.65 -0.68 -4.57
C LYS A 45 -0.52 -1.99 -3.81
N THR A 46 -1.17 -2.10 -2.66
CA THR A 46 -1.13 -3.33 -1.94
C THR A 46 -1.88 -4.45 -2.63
N HIS A 47 -2.97 -4.12 -3.32
CA HIS A 47 -3.84 -5.13 -3.91
C HIS A 47 -3.94 -4.96 -5.41
N LYS A 48 -3.83 -3.73 -5.88
CA LYS A 48 -3.95 -3.44 -7.32
C LYS A 48 -5.20 -3.99 -8.01
N THR A 49 -6.31 -4.07 -7.29
CA THR A 49 -7.55 -4.57 -7.90
C THR A 49 -8.68 -3.55 -7.88
N LEU A 50 -9.53 -3.59 -8.90
CA LEU A 50 -10.75 -2.78 -8.92
C LEU A 50 -11.61 -3.07 -7.68
N GLU A 51 -11.73 -4.35 -7.36
CA GLU A 51 -12.56 -4.76 -6.22
C GLU A 51 -12.02 -4.23 -4.90
N GLY A 52 -10.70 -4.29 -4.71
CA GLY A 52 -10.13 -3.74 -3.49
C GLY A 52 -10.34 -2.24 -3.45
N GLY A 53 -10.17 -1.60 -4.61
CA GLY A 53 -10.38 -0.16 -4.73
C GLY A 53 -11.80 0.23 -4.35
N LEU A 54 -12.76 -0.60 -4.76
CA LEU A 54 -14.16 -0.37 -4.46
C LEU A 54 -14.40 -0.40 -2.96
N LEU A 55 -13.84 -1.40 -2.29
CA LEU A 55 -13.93 -1.47 -0.83
C LEU A 55 -13.28 -0.29 -0.14
N ALA A 56 -12.00 -0.07 -0.45
CA ALA A 56 -11.26 0.98 0.25
C ALA A 56 -11.99 2.32 0.11
N THR A 57 -12.67 2.47 -1.00
CA THR A 57 -13.28 3.73 -1.42
C THR A 57 -14.76 3.81 -0.92
N GLY A 58 -15.20 2.77 -0.23
CA GLY A 58 -16.56 2.68 0.27
C GLY A 58 -17.62 2.71 -0.83
N GLY A 59 -17.29 2.17 -1.99
CA GLY A 59 -18.23 2.05 -3.07
C GLY A 59 -18.24 3.19 -4.07
N THR A 60 -17.50 4.26 -3.80
CA THR A 60 -17.63 5.49 -4.60
C THR A 60 -16.76 5.51 -5.85
N ARG A 61 -15.68 4.74 -5.86
CA ARG A 61 -14.72 4.79 -6.97
C ARG A 61 -14.07 6.14 -7.17
N ARG A 62 -13.94 6.90 -6.08
CA ARG A 62 -13.34 8.22 -6.14
C ARG A 62 -12.29 8.37 -5.04
N GLY A 63 -11.15 8.94 -5.40
CA GLY A 63 -10.16 9.32 -4.42
C GLY A 63 -9.20 8.19 -4.12
N ILE A 64 -8.27 7.93 -5.04
CA ILE A 64 -7.25 6.92 -4.77
C ILE A 64 -5.87 7.46 -5.11
N ALA A 65 -4.85 6.75 -4.63
CA ALA A 65 -3.49 6.99 -5.08
C ALA A 65 -2.96 5.69 -5.70
N VAL A 66 -2.15 5.82 -6.76
CA VAL A 66 -1.60 4.68 -7.48
C VAL A 66 -0.11 4.94 -7.67
N SER A 67 0.64 3.88 -7.96
CA SER A 67 2.07 3.99 -7.95
C SER A 67 2.68 3.90 -9.33
N THR A 68 1.88 3.59 -10.35
CA THR A 68 2.37 3.50 -11.73
C THR A 68 1.31 3.93 -12.71
N LEU A 69 1.74 4.19 -13.94
CA LEU A 69 0.84 4.56 -15.01
C LEU A 69 -0.05 3.38 -15.40
N ALA A 70 0.44 2.15 -15.22
CA ALA A 70 -0.43 0.99 -15.50
C ALA A 70 -1.60 0.92 -14.51
N GLU A 71 -1.34 1.14 -13.22
CA GLU A 71 -2.45 1.27 -12.27
C GLU A 71 -3.36 2.42 -12.66
N ALA A 72 -2.78 3.57 -12.97
CA ALA A 72 -3.60 4.78 -13.31
C ALA A 72 -4.60 4.41 -14.40
N ARG A 73 -4.08 3.80 -15.47
CA ARG A 73 -4.87 3.41 -16.65
C ARG A 73 -5.94 2.38 -16.33
N PHE A 74 -5.53 1.30 -15.66
CA PHE A 74 -6.43 0.26 -15.16
C PHE A 74 -7.57 0.81 -14.30
N PHE A 75 -7.24 1.63 -13.31
CA PHE A 75 -8.32 2.18 -12.50
C PHE A 75 -9.16 3.21 -13.28
N ALA A 76 -8.54 4.01 -14.15
CA ALA A 76 -9.31 4.89 -15.03
C ALA A 76 -10.29 4.06 -15.89
N ASP A 77 -9.78 3.00 -16.51
CA ASP A 77 -10.63 2.14 -17.35
C ASP A 77 -11.73 1.50 -16.52
N GLY A 78 -11.48 1.33 -15.23
CA GLY A 78 -12.47 0.73 -14.35
C GLY A 78 -13.49 1.73 -13.84
N GLY A 79 -13.44 2.96 -14.31
CA GLY A 79 -14.40 3.97 -13.88
C GLY A 79 -14.04 4.75 -12.62
N PHE A 80 -12.80 4.67 -12.17
CA PHE A 80 -12.40 5.49 -11.01
C PHE A 80 -12.03 6.89 -11.47
N ASP A 81 -12.03 7.84 -10.56
CA ASP A 81 -11.61 9.20 -10.89
C ASP A 81 -11.12 9.84 -9.59
N ASP A 82 -10.60 11.06 -9.68
CA ASP A 82 -9.83 11.63 -8.56
C ASP A 82 -8.71 10.65 -8.23
N ILE A 83 -7.83 10.50 -9.19
CA ILE A 83 -6.72 9.58 -9.09
C ILE A 83 -5.41 10.36 -9.01
N LEU A 84 -4.66 10.08 -7.98
CA LEU A 84 -3.37 10.70 -7.80
C LEU A 84 -2.27 9.70 -8.15
N LEU A 85 -1.44 10.06 -9.13
CA LEU A 85 -0.19 9.34 -9.39
C LEU A 85 0.86 9.74 -8.38
N ALA A 86 1.07 8.90 -7.37
CA ALA A 86 1.80 9.29 -6.18
C ALA A 86 3.27 8.98 -6.38
N TYR A 87 3.85 9.61 -7.39
CA TYR A 87 5.15 9.25 -7.88
C TYR A 87 5.69 10.46 -8.64
N PRO A 88 7.00 10.72 -8.56
CA PRO A 88 7.54 11.84 -9.33
C PRO A 88 7.04 11.76 -10.76
N VAL A 89 6.34 12.78 -11.23
CA VAL A 89 5.69 12.66 -12.52
C VAL A 89 6.75 12.23 -13.56
N PRO A 90 6.43 11.21 -14.38
CA PRO A 90 7.46 10.67 -15.29
C PRO A 90 7.56 11.54 -16.51
N THR A 91 8.58 12.40 -16.54
CA THR A 91 8.68 13.41 -17.57
C THR A 91 8.89 12.80 -18.97
N ALA A 92 9.48 11.60 -19.01
CA ALA A 92 9.60 10.85 -20.25
C ALA A 92 8.28 10.29 -20.79
N ARG A 93 7.24 10.22 -19.96
CA ARG A 93 5.95 9.67 -20.42
C ARG A 93 4.83 10.71 -20.30
N LEU A 94 5.14 11.97 -20.60
CA LEU A 94 4.15 13.01 -20.36
C LEU A 94 2.91 12.85 -21.25
N GLU A 95 3.11 12.30 -22.45
CA GLU A 95 1.97 12.07 -23.34
C GLU A 95 0.94 11.14 -22.70
N GLU A 96 1.40 10.10 -22.01
CA GLU A 96 0.49 9.21 -21.27
C GLU A 96 -0.22 9.95 -20.12
N CYS A 97 0.56 10.70 -19.35
CA CYS A 97 -0.02 11.47 -18.25
C CYS A 97 -1.11 12.42 -18.75
N ALA A 98 -0.81 13.11 -19.86
CA ALA A 98 -1.72 14.09 -20.43
C ALA A 98 -2.97 13.43 -20.98
N GLY A 99 -2.82 12.23 -21.54
CA GLY A 99 -4.00 11.48 -21.97
C GLY A 99 -4.90 11.17 -20.79
N LEU A 100 -4.31 10.82 -19.65
CA LEU A 100 -5.15 10.55 -18.47
C LEU A 100 -5.76 11.84 -17.94
N ALA A 101 -4.97 12.92 -17.94
CA ALA A 101 -5.44 14.20 -17.42
C ALA A 101 -6.64 14.66 -18.23
N ARG A 102 -6.65 14.36 -19.53
CA ARG A 102 -7.76 14.74 -20.42
C ARG A 102 -8.98 13.86 -20.29
N ARG A 103 -8.77 12.58 -19.99
CA ARG A 103 -9.90 11.65 -19.83
C ARG A 103 -10.56 11.82 -18.46
N LEU A 104 -9.78 12.18 -17.44
CA LEU A 104 -10.31 12.19 -16.08
C LEU A 104 -10.75 13.58 -15.68
N ASP A 105 -11.81 13.65 -14.88
CA ASP A 105 -12.15 14.88 -14.18
C ASP A 105 -10.97 15.35 -13.36
N ALA A 106 -10.32 14.43 -12.67
CA ALA A 106 -9.23 14.81 -11.77
C ALA A 106 -8.09 13.80 -11.72
N PHE A 107 -7.04 14.06 -12.47
CA PHE A 107 -5.83 13.27 -12.38
C PHE A 107 -4.74 14.12 -11.77
N HIS A 108 -4.18 13.68 -10.65
CA HIS A 108 -3.20 14.47 -9.93
C HIS A 108 -1.81 13.91 -10.14
N VAL A 109 -0.84 14.80 -10.25
CA VAL A 109 0.55 14.36 -10.30
C VAL A 109 1.36 15.00 -9.18
N LEU A 110 2.55 14.46 -8.94
CA LEU A 110 3.41 14.90 -7.87
C LEU A 110 4.74 15.25 -8.50
N LEU A 111 5.41 16.22 -7.93
CA LEU A 111 6.77 16.53 -8.34
C LEU A 111 7.57 17.19 -7.25
N ASP A 112 8.87 17.29 -7.46
CA ASP A 112 9.72 17.91 -6.46
C ASP A 112 10.96 18.58 -7.09
N ARG A 113 10.91 18.79 -8.40
CA ARG A 113 12.03 19.36 -9.17
C ARG A 113 11.53 20.46 -10.07
N PRO A 114 12.23 21.62 -10.08
CA PRO A 114 11.84 22.67 -11.02
C PRO A 114 11.90 22.18 -12.47
N GLU A 115 12.88 21.35 -12.81
CA GLU A 115 12.94 20.86 -14.19
C GLU A 115 11.72 20.03 -14.54
N ALA A 116 11.20 19.28 -13.56
CA ALA A 116 9.93 18.57 -13.79
C ALA A 116 8.80 19.56 -14.04
N LEU A 117 8.69 20.61 -13.23
CA LEU A 117 7.68 21.65 -13.52
C LEU A 117 7.93 22.24 -14.91
N ALA A 118 9.20 22.52 -15.20
CA ALA A 118 9.58 22.99 -16.54
C ALA A 118 9.07 22.04 -17.63
N SER A 119 9.18 20.73 -17.39
CA SER A 119 8.71 19.76 -18.41
C SER A 119 7.20 19.85 -18.60
N LEU A 120 6.48 20.07 -17.51
CA LEU A 120 5.02 20.17 -17.59
C LEU A 120 4.61 21.39 -18.38
N ARG A 121 5.39 22.46 -18.23
CA ARG A 121 5.11 23.70 -18.94
C ARG A 121 5.29 23.54 -20.45
N GLN A 122 6.31 22.79 -20.87
CA GLN A 122 6.54 22.58 -22.31
C GLN A 122 5.61 21.53 -22.92
N ARG A 123 4.77 20.90 -22.09
CA ARG A 123 3.72 20.02 -22.58
C ARG A 123 2.36 20.38 -21.99
N PRO A 124 1.86 21.57 -22.32
CA PRO A 124 0.55 22.04 -21.83
C PRO A 124 -0.52 21.00 -22.10
N LEU A 125 -1.54 20.96 -21.25
CA LEU A 125 -2.65 20.04 -21.44
C LEU A 125 -3.63 20.60 -22.44
N GLY A 126 -3.98 21.87 -22.29
CA GLY A 126 -5.01 22.49 -23.11
C GLY A 126 -6.40 21.97 -22.76
N HIS A 127 -7.41 22.54 -23.42
CA HIS A 127 -8.78 22.09 -23.29
C HIS A 127 -9.39 22.43 -21.95
N GLY A 128 -8.97 23.55 -21.40
CA GLY A 128 -9.52 24.00 -20.13
C GLY A 128 -9.10 23.11 -18.99
N LYS A 129 -7.91 22.52 -19.13
CA LYS A 129 -7.39 21.65 -18.11
C LYS A 129 -6.02 22.11 -17.66
N ARG A 130 -5.82 22.02 -16.35
CA ARG A 130 -4.52 22.35 -15.79
C ARG A 130 -3.90 21.09 -15.24
N TRP A 131 -2.58 21.00 -15.27
CA TRP A 131 -1.89 19.99 -14.49
C TRP A 131 -2.25 20.26 -13.03
N LEU A 132 -2.76 19.22 -12.37
CA LEU A 132 -3.09 19.27 -10.96
C LEU A 132 -1.93 18.73 -10.17
N VAL A 133 -1.11 19.63 -9.65
CA VAL A 133 0.17 19.27 -9.14
C VAL A 133 0.25 19.30 -7.62
N TRP A 134 0.81 18.25 -7.02
CA TRP A 134 1.11 18.25 -5.61
C TRP A 134 2.61 18.35 -5.44
N LEU A 135 3.05 19.08 -4.42
CA LEU A 135 4.45 19.13 -4.08
C LEU A 135 4.82 18.02 -3.09
N LYS A 136 5.75 17.15 -3.48
CA LYS A 136 6.18 16.06 -2.62
C LYS A 136 7.15 16.59 -1.59
N LEU A 137 6.83 16.38 -0.32
CA LEU A 137 7.69 16.82 0.77
C LEU A 137 8.45 15.64 1.37
N ASP A 138 9.76 15.85 1.58
CA ASP A 138 10.59 14.90 2.31
C ASP A 138 10.71 15.35 3.78
N CYS A 139 10.07 14.62 4.67
CA CYS A 139 10.01 15.00 6.09
C CYS A 139 10.77 14.04 7.01
N GLY A 140 11.69 13.28 6.44
CA GLY A 140 12.45 12.30 7.22
C GLY A 140 12.49 10.95 6.51
N ASN A 141 11.58 10.77 5.56
CA ASN A 141 11.51 9.54 4.78
C ASN A 141 12.81 9.21 4.03
N GLY A 142 13.53 10.24 3.59
CA GLY A 142 14.81 10.06 2.90
C GLY A 142 14.69 9.36 1.55
N ARG A 143 13.78 9.86 0.71
CA ARG A 143 13.43 9.19 -0.54
C ARG A 143 13.33 10.22 -1.67
N ALA A 144 12.09 10.62 -2.01
CA ALA A 144 11.88 11.73 -2.93
C ALA A 144 11.29 12.94 -2.21
N GLY A 145 11.08 14.03 -2.95
CA GLY A 145 10.50 15.25 -2.37
C GLY A 145 11.51 16.30 -1.93
N VAL A 146 11.04 17.52 -1.74
CA VAL A 146 11.87 18.60 -1.22
C VAL A 146 11.76 18.67 0.31
N ARG A 147 12.86 19.01 0.98
CA ARG A 147 12.84 19.22 2.42
C ARG A 147 12.08 20.52 2.73
N PRO A 148 11.15 20.47 3.69
CA PRO A 148 10.33 21.61 4.08
C PRO A 148 11.14 22.83 4.58
N THR A 149 12.33 22.58 5.11
CA THR A 149 13.18 23.68 5.60
C THR A 149 14.16 24.20 4.53
N ASP A 150 14.14 23.55 3.36
CA ASP A 150 14.99 23.97 2.25
C ASP A 150 14.28 25.11 1.51
N PRO A 151 14.96 26.25 1.35
CA PRO A 151 14.33 27.41 0.71
C PRO A 151 13.83 27.06 -0.69
N ALA A 152 14.43 26.02 -1.27
CA ALA A 152 14.06 25.56 -2.60
C ALA A 152 12.61 25.07 -2.63
N ALA A 153 12.16 24.51 -1.51
CA ALA A 153 10.82 23.97 -1.43
C ALA A 153 9.79 25.08 -1.60
N LEU A 154 9.94 26.13 -0.80
CA LEU A 154 8.97 27.21 -0.82
C LEU A 154 8.90 27.85 -2.19
N GLU A 155 10.03 27.96 -2.87
CA GLU A 155 10.07 28.61 -4.18
C GLU A 155 9.45 27.71 -5.25
N LEU A 156 9.72 26.42 -5.16
CA LEU A 156 9.10 25.50 -6.10
C LEU A 156 7.57 25.57 -5.90
N ALA A 157 7.12 25.57 -4.66
CA ALA A 157 5.68 25.64 -4.38
C ALA A 157 5.08 26.92 -4.96
N GLN A 158 5.80 28.01 -4.75
CA GLN A 158 5.42 29.28 -5.35
C GLN A 158 5.36 29.16 -6.88
N ALA A 159 6.39 28.57 -7.48
CA ALA A 159 6.41 28.41 -8.93
C ALA A 159 5.23 27.58 -9.42
N ILE A 160 4.95 26.46 -8.74
CA ILE A 160 3.81 25.61 -9.15
C ILE A 160 2.46 26.35 -9.05
N ALA A 161 2.29 27.10 -7.96
CA ALA A 161 1.01 27.71 -7.69
C ALA A 161 0.69 28.93 -8.56
N ASN A 162 1.69 29.75 -8.86
CA ASN A 162 1.41 31.09 -9.38
C ASN A 162 2.02 31.43 -10.74
N ASP A 163 3.01 30.65 -11.19
CA ASP A 163 3.81 31.03 -12.35
C ASP A 163 3.14 30.82 -13.70
N ALA A 164 2.09 30.00 -13.72
CA ALA A 164 1.37 29.74 -14.96
C ALA A 164 0.02 29.17 -14.62
N PRO A 165 -0.80 29.93 -13.89
CA PRO A 165 -2.01 29.47 -13.22
C PRO A 165 -3.08 28.90 -14.15
N GLU A 166 -2.87 29.03 -15.45
CA GLU A 166 -3.87 28.52 -16.39
C GLU A 166 -3.40 27.21 -17.03
N GLU A 167 -2.14 26.85 -16.78
CA GLU A 167 -1.56 25.60 -17.25
C GLU A 167 -1.27 24.62 -16.10
N VAL A 168 -0.96 25.17 -14.92
CA VAL A 168 -0.56 24.40 -13.75
C VAL A 168 -1.16 25.01 -12.47
N THR A 169 -1.69 24.14 -11.59
CA THR A 169 -2.18 24.52 -10.26
C THR A 169 -1.51 23.69 -9.17
N LEU A 170 -1.33 24.28 -8.00
CA LEU A 170 -0.81 23.57 -6.83
C LEU A 170 -1.99 23.09 -6.02
N VAL A 171 -2.23 21.77 -5.99
CA VAL A 171 -3.37 21.23 -5.25
C VAL A 171 -3.05 21.16 -3.75
N GLY A 172 -1.80 20.82 -3.44
CA GLY A 172 -1.44 20.64 -2.03
C GLY A 172 -0.05 20.06 -1.86
N VAL A 173 0.29 19.69 -0.63
CA VAL A 173 1.56 19.05 -0.38
C VAL A 173 1.30 17.61 0.03
N TYR A 174 2.23 16.75 -0.32
CA TYR A 174 2.09 15.33 -0.12
C TYR A 174 3.35 14.83 0.57
N ALA A 175 3.20 14.19 1.73
CA ALA A 175 4.33 13.53 2.38
C ALA A 175 4.01 12.06 2.64
N HIS A 176 5.02 11.23 2.58
CA HIS A 176 4.85 9.83 2.97
C HIS A 176 5.85 9.44 4.06
N CYS A 177 5.32 9.16 5.24
CA CYS A 177 6.13 8.81 6.39
C CYS A 177 6.50 7.32 6.36
N GLY A 178 7.16 6.89 5.28
CA GLY A 178 7.57 5.50 5.13
C GLY A 178 8.58 5.09 6.18
N ASN A 179 9.17 6.08 6.85
CA ASN A 179 10.17 5.76 7.86
C ASN A 179 9.60 5.04 9.09
N THR A 180 8.27 5.13 9.27
CA THR A 180 7.61 4.38 10.35
C THR A 180 7.90 2.89 10.30
N TYR A 181 8.44 2.41 9.17
CA TYR A 181 8.73 0.98 9.03
C TYR A 181 10.02 0.60 9.77
N GLY A 182 10.89 1.58 10.03
CA GLY A 182 12.14 1.32 10.72
C GLY A 182 12.06 1.32 12.24
N CYS A 183 10.85 1.38 12.80
CA CYS A 183 10.72 1.49 14.25
C CYS A 183 9.45 0.84 14.81
N SER A 184 9.64 -0.06 15.77
CA SER A 184 8.54 -0.80 16.39
C SER A 184 7.91 -0.07 17.57
N GLY A 185 6.65 -0.36 17.87
CA GLY A 185 5.92 0.29 18.97
C GLY A 185 5.08 1.49 18.56
N ALA A 186 3.94 1.69 19.21
CA ALA A 186 3.09 2.84 18.90
C ALA A 186 3.82 4.16 19.14
N ASP A 187 4.60 4.23 20.22
CA ASP A 187 5.23 5.49 20.60
C ASP A 187 6.16 6.03 19.51
N THR A 188 7.05 5.17 18.99
CA THR A 188 7.99 5.64 17.96
C THR A 188 7.30 5.95 16.62
N ILE A 189 6.31 5.12 16.27
CA ILE A 189 5.49 5.34 15.08
C ILE A 189 4.78 6.69 15.18
N GLN A 190 4.14 6.95 16.31
CA GLN A 190 3.51 8.23 16.53
C GLN A 190 4.49 9.42 16.51
N ALA A 191 5.72 9.22 16.97
CA ALA A 191 6.70 10.30 16.98
C ALA A 191 7.01 10.72 15.55
N ILE A 192 7.23 9.73 14.69
CA ILE A 192 7.48 9.99 13.28
C ILE A 192 6.26 10.65 12.62
N ALA A 193 5.07 10.13 12.95
CA ALA A 193 3.83 10.72 12.48
C ALA A 193 3.78 12.19 12.89
N ARG A 194 4.15 12.45 14.13
CA ARG A 194 4.11 13.79 14.72
C ARG A 194 5.16 14.72 14.08
N THR A 195 6.37 14.21 13.90
CA THR A 195 7.41 14.98 13.24
C THR A 195 6.96 15.32 11.84
N THR A 196 6.43 14.32 11.13
CA THR A 196 6.01 14.52 9.77
C THR A 196 4.84 15.49 9.69
N THR A 197 3.89 15.32 10.60
CA THR A 197 2.69 16.14 10.59
C THR A 197 3.09 17.59 10.87
N ASN A 198 3.88 17.80 11.92
CA ASN A 198 4.32 19.15 12.27
C ASN A 198 5.19 19.84 11.23
N ALA A 199 6.02 19.05 10.55
CA ALA A 199 6.79 19.56 9.43
C ALA A 199 5.88 20.02 8.29
N VAL A 200 4.83 19.26 8.04
CA VAL A 200 3.91 19.60 6.98
C VAL A 200 3.10 20.83 7.36
N LEU A 201 2.59 20.82 8.58
CA LEU A 201 1.82 21.94 9.06
C LEU A 201 2.67 23.21 9.07
N SER A 202 3.92 23.11 9.52
CA SER A 202 4.81 24.27 9.52
C SER A 202 5.03 24.77 8.12
N PHE A 203 5.22 23.84 7.19
CA PHE A 203 5.45 24.22 5.83
C PHE A 203 4.24 24.93 5.27
N VAL A 204 3.06 24.36 5.52
CA VAL A 204 1.84 24.99 5.04
C VAL A 204 1.64 26.38 5.63
N ALA A 205 1.98 26.56 6.90
CA ALA A 205 1.87 27.86 7.56
C ALA A 205 2.83 28.86 6.90
N ALA A 206 4.01 28.35 6.55
CA ALA A 206 5.00 29.13 5.83
C ALA A 206 4.45 29.56 4.47
N LEU A 207 3.81 28.62 3.76
CA LEU A 207 3.18 28.94 2.49
C LEU A 207 2.11 30.02 2.63
N ARG A 208 1.25 29.92 3.63
CA ARG A 208 0.18 30.90 3.77
C ARG A 208 0.75 32.28 4.11
N GLN A 209 1.81 32.32 4.90
CA GLN A 209 2.50 33.59 5.21
C GLN A 209 3.14 34.20 3.93
N ALA A 210 3.60 33.34 3.01
CA ALA A 210 4.20 33.81 1.75
C ALA A 210 3.15 34.07 0.68
N GLY A 211 1.90 33.76 0.98
CA GLY A 211 0.82 33.96 0.02
C GLY A 211 0.69 32.87 -1.04
N VAL A 212 1.15 31.67 -0.74
CA VAL A 212 1.05 30.57 -1.68
C VAL A 212 -0.16 29.75 -1.31
N PRO A 213 -1.20 29.78 -2.17
CA PRO A 213 -2.40 29.03 -1.87
C PRO A 213 -2.09 27.54 -1.91
N CYS A 214 -2.41 26.86 -0.81
CA CYS A 214 -2.20 25.43 -0.75
C CYS A 214 -3.43 24.82 -0.08
N PRO A 215 -4.40 24.40 -0.88
CA PRO A 215 -5.61 23.96 -0.20
C PRO A 215 -5.53 22.58 0.50
N GLN A 216 -4.72 21.65 0.01
CA GLN A 216 -4.66 20.29 0.61
C GLN A 216 -3.32 19.96 1.24
N ALA A 217 -3.35 19.11 2.24
CA ALA A 217 -2.14 18.56 2.86
C ALA A 217 -2.41 17.11 3.22
N SER A 218 -1.53 16.23 2.75
CA SER A 218 -1.75 14.78 2.73
C SER A 218 -0.52 14.05 3.30
N ILE A 219 -0.71 13.22 4.33
CA ILE A 219 0.36 12.31 4.73
C ILE A 219 -0.23 10.93 4.86
N GLY A 220 0.58 9.97 5.25
CA GLY A 220 0.02 8.71 5.67
C GLY A 220 0.84 7.50 5.31
N SER A 221 0.83 6.57 6.24
CA SER A 221 1.41 5.27 6.08
C SER A 221 0.49 4.43 6.95
N THR A 222 0.48 3.13 6.71
CA THR A 222 -0.41 2.26 7.47
C THR A 222 -0.13 2.24 8.98
N PRO A 223 1.15 2.20 9.37
CA PRO A 223 1.44 2.26 10.81
C PRO A 223 0.92 3.55 11.49
N SER A 224 1.11 4.71 10.88
CA SER A 224 0.67 5.92 11.55
C SER A 224 -0.84 6.13 11.45
N CYS A 225 -1.46 5.70 10.35
CA CYS A 225 -2.91 5.82 10.24
C CYS A 225 -3.69 4.77 11.02
N SER A 226 -3.01 3.73 11.47
CA SER A 226 -3.63 2.73 12.31
C SER A 226 -3.78 3.21 13.76
N HIS A 227 -2.90 4.12 14.19
CA HIS A 227 -3.01 4.75 15.52
C HIS A 227 -2.80 6.23 15.41
N PRO A 228 -3.79 6.94 14.83
CA PRO A 228 -3.62 8.32 14.47
C PRO A 228 -3.47 9.24 15.67
N ILE A 229 -2.81 10.37 15.46
CA ILE A 229 -2.68 11.40 16.49
C ILE A 229 -3.62 12.57 16.17
N PRO A 230 -4.04 13.31 17.20
CA PRO A 230 -5.00 14.40 16.97
C PRO A 230 -4.46 15.50 16.05
N GLU A 231 -3.14 15.73 16.07
CA GLU A 231 -2.55 16.71 15.18
C GLU A 231 -2.93 16.48 13.71
N MET A 232 -3.33 15.24 13.38
CA MET A 232 -3.68 14.89 12.00
C MET A 232 -4.97 15.52 11.48
N SER A 233 -5.84 15.93 12.39
CA SER A 233 -7.06 16.62 12.00
C SER A 233 -6.78 17.99 11.38
N GLN A 234 -5.54 18.47 11.47
CA GLN A 234 -5.22 19.74 10.84
C GLN A 234 -4.81 19.59 9.38
N LEU A 235 -4.60 18.33 8.95
CA LEU A 235 -4.37 18.00 7.55
C LEU A 235 -5.71 17.88 6.85
N THR A 236 -5.72 17.55 5.56
CA THR A 236 -6.99 17.44 4.84
C THR A 236 -7.22 16.01 4.37
N GLU A 237 -6.16 15.21 4.33
CA GLU A 237 -6.24 13.91 3.67
C GLU A 237 -5.17 12.94 4.18
N LEU A 238 -5.54 11.67 4.31
CA LEU A 238 -4.59 10.63 4.70
C LEU A 238 -4.57 9.59 3.58
N HIS A 239 -3.40 9.05 3.24
CA HIS A 239 -3.30 8.13 2.12
C HIS A 239 -2.57 6.82 2.42
N PRO A 240 -2.98 6.08 3.47
CA PRO A 240 -2.39 4.76 3.68
C PRO A 240 -2.93 3.75 2.64
N GLY A 241 -2.29 2.60 2.52
CA GLY A 241 -2.78 1.56 1.61
C GLY A 241 -2.75 0.13 2.16
N ASN A 242 -1.62 -0.28 2.73
CA ASN A 242 -1.46 -1.66 3.19
C ASN A 242 -2.55 -2.17 4.14
N TYR A 243 -3.12 -1.25 4.91
CA TYR A 243 -4.08 -1.60 5.98
C TYR A 243 -5.27 -2.40 5.48
N ILE A 244 -5.56 -2.34 4.19
CA ILE A 244 -6.70 -3.08 3.72
C ILE A 244 -6.48 -4.59 4.00
N PHE A 245 -5.22 -5.04 3.96
CA PHE A 245 -4.88 -6.47 4.22
C PHE A 245 -4.12 -6.69 5.54
N TYR A 246 -3.25 -5.75 5.89
CA TYR A 246 -2.22 -5.94 6.90
C TYR A 246 -1.36 -7.17 6.60
N ASP A 247 -0.42 -7.50 7.48
CA ASP A 247 0.44 -8.65 7.27
C ASP A 247 1.22 -8.90 8.55
N LEU A 248 2.17 -9.82 8.50
CA LEU A 248 2.96 -10.17 9.68
C LEU A 248 3.82 -8.98 10.09
N GLN A 249 4.44 -8.31 9.11
CA GLN A 249 5.24 -7.12 9.42
C GLN A 249 4.43 -6.12 10.26
N GLN A 250 3.20 -5.84 9.86
CA GLN A 250 2.37 -4.86 10.57
C GLN A 250 1.95 -5.35 11.95
N THR A 251 1.78 -6.66 12.05
CA THR A 251 1.49 -7.31 13.32
C THR A 251 2.67 -7.17 14.25
N GLN A 252 3.88 -7.33 13.73
CA GLN A 252 5.10 -7.14 14.53
C GLN A 252 5.35 -5.67 14.91
N LEU A 253 4.96 -4.75 14.03
CA LEU A 253 5.13 -3.33 14.32
C LEU A 253 4.20 -2.85 15.41
N GLY A 254 3.09 -3.54 15.60
CA GLY A 254 2.04 -3.07 16.49
C GLY A 254 0.88 -2.34 15.79
N SER A 255 0.90 -2.26 14.46
CA SER A 255 -0.16 -1.57 13.71
C SER A 255 -1.50 -2.27 13.86
N CYS A 256 -1.48 -3.59 13.95
CA CYS A 256 -2.72 -4.35 13.94
C CYS A 256 -2.57 -5.56 14.85
N GLN A 257 -3.67 -6.28 15.04
CA GLN A 257 -3.70 -7.56 15.76
C GLN A 257 -3.73 -8.67 14.72
N PRO A 258 -3.34 -9.89 15.10
CA PRO A 258 -3.43 -11.04 14.19
C PRO A 258 -4.78 -11.17 13.47
N GLN A 259 -5.87 -10.87 14.18
CA GLN A 259 -7.23 -10.96 13.61
C GLN A 259 -7.49 -9.97 12.49
N ASP A 260 -6.65 -8.94 12.37
CA ASP A 260 -6.83 -7.92 11.33
C ASP A 260 -6.19 -8.31 9.99
N VAL A 261 -5.37 -9.36 10.00
CA VAL A 261 -4.68 -9.78 8.79
C VAL A 261 -5.62 -10.60 7.90
N ALA A 262 -6.04 -9.99 6.80
CA ALA A 262 -6.97 -10.60 5.88
C ALA A 262 -6.33 -11.61 4.92
N ILE A 263 -5.02 -11.53 4.77
CA ILE A 263 -4.36 -12.26 3.67
C ILE A 263 -3.67 -13.51 4.19
N ARG A 264 -3.79 -14.61 3.42
CA ARG A 264 -2.98 -15.81 3.66
C ARG A 264 -2.50 -16.34 2.32
N VAL A 265 -1.43 -17.13 2.35
CA VAL A 265 -1.13 -17.99 1.22
C VAL A 265 -1.39 -19.43 1.68
N LEU A 266 -2.35 -20.10 1.06
CA LEU A 266 -2.62 -21.50 1.37
C LEU A 266 -1.62 -22.39 0.67
N THR A 267 -1.06 -23.35 1.39
CA THR A 267 -0.13 -24.29 0.80
C THR A 267 -0.40 -25.71 1.30
N ARG A 268 -0.09 -26.71 0.48
CA ARG A 268 -0.25 -28.12 0.88
C ARG A 268 1.05 -28.75 1.32
N VAL A 269 1.00 -29.58 2.34
CA VAL A 269 2.12 -30.43 2.68
C VAL A 269 2.25 -31.42 1.53
N ILE A 270 3.43 -31.51 0.95
CA ILE A 270 3.58 -32.43 -0.18
C ILE A 270 4.61 -33.51 0.10
N GLY A 271 5.27 -33.44 1.26
CA GLY A 271 6.31 -34.40 1.55
C GLY A 271 6.73 -34.42 3.01
N HIS A 272 7.06 -35.61 3.50
CA HIS A 272 7.71 -35.76 4.78
C HIS A 272 9.15 -36.21 4.57
N TYR A 273 10.05 -35.63 5.34
CA TYR A 273 11.44 -36.04 5.30
C TYR A 273 11.92 -36.21 6.72
N ALA A 274 11.71 -37.43 7.24
CA ALA A 274 11.95 -37.74 8.65
C ALA A 274 13.42 -37.62 9.02
N HIS A 275 14.29 -38.02 8.08
CA HIS A 275 15.73 -37.99 8.29
C HIS A 275 16.26 -36.57 8.39
N ARG A 276 15.37 -35.60 8.20
CA ARG A 276 15.75 -34.18 8.28
C ARG A 276 14.83 -33.44 9.26
N GLY A 277 13.67 -34.03 9.55
CA GLY A 277 12.68 -33.42 10.45
C GLY A 277 11.81 -32.37 9.78
N GLN A 278 11.74 -32.41 8.45
CA GLN A 278 11.12 -31.33 7.67
C GLN A 278 9.84 -31.74 6.94
N LEU A 279 8.90 -30.79 6.85
CA LEU A 279 7.76 -30.93 5.93
C LEU A 279 8.11 -30.23 4.64
N LEU A 280 7.62 -30.76 3.53
CA LEU A 280 7.78 -30.08 2.26
C LEU A 280 6.42 -29.53 1.90
N VAL A 281 6.37 -28.23 1.60
CA VAL A 281 5.15 -27.58 1.17
C VAL A 281 5.29 -27.01 -0.24
N ASP A 282 4.17 -26.86 -0.91
CA ASP A 282 4.20 -26.43 -2.29
C ASP A 282 4.17 -24.88 -2.44
N CYS A 283 4.64 -24.16 -1.43
CA CYS A 283 4.80 -22.71 -1.55
C CYS A 283 6.29 -22.33 -1.50
N GLY A 284 6.82 -21.83 -2.61
CA GLY A 284 8.19 -21.27 -2.63
C GLY A 284 8.19 -19.76 -2.73
N TRP A 285 9.31 -19.16 -3.11
CA TRP A 285 9.34 -17.69 -3.22
C TRP A 285 8.44 -17.18 -4.35
N ALA A 286 8.11 -18.04 -5.30
CA ALA A 286 7.24 -17.58 -6.40
C ALA A 286 5.83 -17.25 -5.95
N ALA A 287 5.41 -17.81 -4.83
CA ALA A 287 4.09 -17.54 -4.28
C ALA A 287 4.18 -16.60 -3.08
N LEU A 288 5.39 -16.37 -2.60
CA LEU A 288 5.56 -15.67 -1.33
C LEU A 288 6.41 -14.39 -1.41
N SER A 289 7.39 -14.39 -2.32
CA SER A 289 8.51 -13.43 -2.29
C SER A 289 9.42 -13.72 -1.12
N LEU A 290 10.60 -13.10 -1.12
CA LEU A 290 11.58 -13.21 -0.02
C LEU A 290 11.56 -12.04 0.95
N HIS A 291 10.57 -11.17 0.87
CA HIS A 291 10.45 -10.14 1.88
C HIS A 291 10.38 -10.70 3.30
N GLY A 292 11.08 -10.07 4.22
CA GLY A 292 11.16 -10.57 5.60
C GLY A 292 12.38 -11.46 5.85
N ALA A 293 13.09 -11.83 4.77
CA ALA A 293 14.25 -12.70 4.92
C ALA A 293 15.47 -11.92 5.42
N GLY A 294 15.83 -10.87 4.69
CA GLY A 294 17.04 -10.10 4.99
C GLY A 294 16.96 -9.32 6.28
N ALA A 295 15.94 -9.62 7.08
CA ALA A 295 15.65 -8.85 8.29
C ALA A 295 14.51 -9.47 9.08
N GLY A 298 17.03 -14.86 7.58
CA GLY A 298 16.70 -15.76 6.47
C GLY A 298 15.22 -16.14 6.43
N PRO A 299 14.89 -17.19 5.67
CA PRO A 299 13.50 -17.49 5.30
C PRO A 299 12.52 -17.54 6.48
N GLN A 300 13.03 -17.76 7.69
CA GLN A 300 12.16 -17.84 8.87
C GLN A 300 11.27 -16.61 9.00
N GLY A 301 11.77 -15.46 8.54
CA GLY A 301 11.03 -14.21 8.65
C GLY A 301 10.00 -13.94 7.55
N CYS A 302 9.92 -14.80 6.54
CA CYS A 302 9.07 -14.54 5.39
C CYS A 302 7.59 -14.79 5.67
N ALA A 303 7.30 -15.66 6.63
CA ALA A 303 5.93 -16.06 6.92
C ALA A 303 5.85 -16.85 8.23
N ALA A 304 4.67 -16.82 8.84
CA ALA A 304 4.39 -17.68 9.97
C ALA A 304 3.26 -18.62 9.55
N ILE A 305 3.19 -19.78 10.16
CA ILE A 305 2.11 -20.71 9.90
C ILE A 305 0.96 -20.43 10.85
N ASP A 306 -0.17 -20.01 10.29
CA ASP A 306 -1.35 -19.64 11.08
C ASP A 306 -1.86 -20.80 11.97
N GLY A 307 -1.85 -20.59 13.29
CA GLY A 307 -2.35 -21.59 14.22
C GLY A 307 -1.31 -22.63 14.62
N HIS A 308 -0.07 -22.44 14.18
CA HIS A 308 0.99 -23.37 14.51
C HIS A 308 2.31 -22.65 14.72
N PRO A 309 2.48 -22.03 15.89
CA PRO A 309 3.74 -21.36 16.18
C PRO A 309 4.93 -22.33 16.19
N GLU A 310 4.68 -23.62 16.40
CA GLU A 310 5.78 -24.61 16.45
C GLU A 310 6.55 -24.69 15.15
N LEU A 311 5.86 -24.48 14.03
CA LEU A 311 6.50 -24.61 12.73
C LEU A 311 7.26 -23.36 12.30
N ARG A 312 8.34 -23.56 11.57
CA ARG A 312 8.91 -22.41 10.90
C ARG A 312 9.53 -22.75 9.56
N LEU A 313 9.58 -21.74 8.70
CA LEU A 313 10.16 -21.87 7.39
C LEU A 313 11.65 -21.87 7.52
N VAL A 314 12.31 -22.78 6.81
CA VAL A 314 13.77 -22.83 6.85
C VAL A 314 14.38 -22.86 5.47
N GLY A 315 13.53 -22.82 4.46
CA GLY A 315 14.02 -22.87 3.09
C GLY A 315 12.90 -22.56 2.12
N LEU A 316 13.23 -21.76 1.11
CA LEU A 316 12.32 -21.52 0.02
C LEU A 316 13.12 -21.64 -1.27
N THR A 317 12.64 -22.48 -2.17
CA THR A 317 13.13 -22.38 -3.53
C THR A 317 11.98 -21.81 -4.38
N GLN A 318 12.13 -21.78 -5.69
CA GLN A 318 11.11 -21.13 -6.49
C GLN A 318 9.70 -21.69 -6.16
N GLU A 319 9.58 -23.00 -6.04
CA GLU A 319 8.25 -23.60 -5.90
C GLU A 319 8.10 -24.54 -4.72
N HIS A 320 9.11 -24.62 -3.86
CA HIS A 320 9.09 -25.50 -2.66
C HIS A 320 9.40 -24.67 -1.44
N GLY A 321 8.79 -25.02 -0.31
CA GLY A 321 9.25 -24.52 0.98
C GLY A 321 9.50 -25.66 1.96
N LEU A 322 10.44 -25.48 2.87
CA LEU A 322 10.72 -26.46 3.92
C LEU A 322 10.31 -25.95 5.32
N LEU A 323 9.54 -26.76 6.03
CA LEU A 323 9.09 -26.42 7.38
C LEU A 323 9.73 -27.35 8.41
N GLU A 324 10.32 -26.78 9.44
CA GLU A 324 10.80 -27.57 10.58
C GLU A 324 9.94 -27.27 11.81
N HIS A 325 9.97 -28.17 12.79
CA HIS A 325 9.33 -27.90 14.07
C HIS A 325 10.29 -27.13 14.96
N ALA A 326 11.54 -27.05 14.53
CA ALA A 326 12.54 -26.27 15.25
C ALA A 326 12.34 -26.37 16.76
N GLY A 327 11.69 -27.45 17.17
CA GLY A 327 11.77 -27.92 18.54
C GLY A 327 12.53 -29.22 18.41
N GLY A 328 13.08 -29.42 17.22
CA GLY A 328 13.67 -30.70 16.84
C GLY A 328 12.58 -31.75 16.92
N GLN A 329 11.46 -31.39 17.54
CA GLN A 329 10.40 -32.36 17.82
C GLN A 329 9.25 -32.35 16.82
N MET A 330 9.52 -32.68 15.57
CA MET A 330 8.45 -32.71 14.56
C MET A 330 7.44 -33.83 14.83
N ASP A 331 6.20 -33.65 14.37
CA ASP A 331 5.19 -34.70 14.55
C ASP A 331 4.43 -34.99 13.26
N PHE A 332 5.07 -35.72 12.35
CA PHE A 332 4.51 -35.95 11.03
C PHE A 332 3.06 -36.42 11.01
N GLY A 333 2.62 -37.06 12.09
CA GLY A 333 1.24 -37.54 12.15
C GLY A 333 0.19 -36.43 12.18
N ARG A 334 0.57 -35.29 12.74
CA ARG A 334 -0.34 -34.14 12.81
C ARG A 334 -0.40 -33.31 11.52
N PHE A 335 0.50 -33.60 10.59
CA PHE A 335 0.58 -32.86 9.33
C PHE A 335 0.71 -33.80 8.15
N PRO A 336 -0.33 -34.59 7.88
CA PRO A 336 -0.26 -35.53 6.78
C PRO A 336 -0.12 -34.85 5.40
N VAL A 337 0.47 -35.58 4.46
CA VAL A 337 0.59 -35.11 3.10
C VAL A 337 -0.80 -34.90 2.57
N GLY A 338 -1.04 -33.76 1.94
CA GLY A 338 -2.36 -33.43 1.42
C GLY A 338 -3.07 -32.42 2.30
N SER A 339 -2.60 -32.23 3.53
CA SER A 339 -3.22 -31.25 4.39
C SER A 339 -2.80 -29.80 4.02
N VAL A 340 -3.63 -28.86 4.44
CA VAL A 340 -3.49 -27.47 4.02
C VAL A 340 -3.07 -26.60 5.19
N LEU A 341 -1.98 -25.85 5.02
CA LEU A 341 -1.58 -24.86 6.00
C LEU A 341 -1.78 -23.45 5.44
N ALA A 342 -2.05 -22.49 6.32
CA ALA A 342 -2.22 -21.10 5.92
C ALA A 342 -1.01 -20.27 6.35
N LEU A 343 -0.21 -19.81 5.38
CA LEU A 343 0.91 -18.95 5.70
C LEU A 343 0.46 -17.50 5.88
N ILE A 344 1.05 -16.81 6.85
CA ILE A 344 0.82 -15.38 7.02
C ILE A 344 2.05 -14.70 6.51
N PRO A 345 1.96 -14.01 5.36
CA PRO A 345 3.17 -13.46 4.76
C PRO A 345 3.67 -12.20 5.46
N TYR A 346 4.96 -11.93 5.35
CA TYR A 346 5.58 -10.76 5.99
C TYR A 346 5.05 -9.43 5.43
N HIS A 347 5.04 -9.32 4.11
CA HIS A 347 4.72 -8.07 3.42
C HIS A 347 3.58 -8.32 2.43
N ALA A 348 2.39 -7.82 2.73
CA ALA A 348 1.22 -8.10 1.87
C ALA A 348 1.47 -7.65 0.44
N CYS A 349 2.03 -6.45 0.27
CA CYS A 349 2.19 -5.87 -1.05
C CYS A 349 3.08 -6.77 -1.90
N ALA A 350 4.16 -7.26 -1.31
CA ALA A 350 5.12 -8.12 -1.99
C ALA A 350 4.53 -9.46 -2.35
N THR A 351 3.81 -10.06 -1.42
CA THR A 351 3.15 -11.33 -1.70
C THR A 351 2.05 -11.21 -2.76
N ALA A 352 1.25 -10.15 -2.67
CA ALA A 352 0.13 -9.95 -3.60
C ALA A 352 0.64 -9.77 -5.04
N ALA A 353 1.81 -9.15 -5.18
CA ALA A 353 2.42 -8.93 -6.48
C ALA A 353 2.84 -10.24 -7.16
N MET A 354 2.93 -11.31 -6.40
CA MET A 354 3.25 -12.62 -6.97
C MET A 354 2.05 -13.44 -7.50
N HIS A 355 0.82 -12.97 -7.29
CA HIS A 355 -0.37 -13.76 -7.62
C HIS A 355 -1.24 -13.18 -8.71
N PRO A 356 -1.58 -14.01 -9.72
CA PRO A 356 -2.45 -13.49 -10.75
C PRO A 356 -3.90 -13.47 -10.30
N VAL A 357 -4.22 -14.16 -9.21
CA VAL A 357 -5.61 -14.17 -8.74
C VAL A 357 -5.65 -14.25 -7.21
N TYR A 358 -6.61 -13.58 -6.60
CA TYR A 358 -6.81 -13.71 -5.16
C TYR A 358 -8.15 -14.40 -4.92
N TYR A 359 -8.16 -15.38 -4.04
CA TYR A 359 -9.37 -16.11 -3.74
C TYR A 359 -9.97 -15.47 -2.51
N VAL A 360 -11.09 -14.81 -2.74
CA VAL A 360 -11.75 -13.99 -1.75
C VAL A 360 -12.88 -14.81 -1.13
N HIS A 361 -12.87 -14.93 0.19
CA HIS A 361 -13.79 -15.83 0.86
C HIS A 361 -14.54 -15.20 2.04
N GLU A 362 -15.69 -15.80 2.36
CA GLU A 362 -16.47 -15.51 3.58
C GLU A 362 -16.87 -16.82 4.25
N GLU A 363 -16.76 -16.88 5.57
CA GLU A 363 -17.07 -18.09 6.32
C GLU A 363 -16.71 -19.37 5.56
N GLY A 364 -15.42 -19.51 5.29
CA GLY A 364 -14.88 -20.75 4.74
C GLY A 364 -15.02 -20.99 3.25
N LYS A 365 -15.84 -20.18 2.57
CA LYS A 365 -16.14 -20.42 1.16
C LYS A 365 -15.73 -19.27 0.25
N VAL A 366 -15.35 -19.59 -0.98
CA VAL A 366 -14.93 -18.58 -1.93
C VAL A 366 -16.13 -17.79 -2.44
N VAL A 367 -16.02 -16.47 -2.43
CA VAL A 367 -17.12 -15.62 -2.80
C VAL A 367 -16.78 -14.75 -4.01
N ALA A 368 -15.48 -14.53 -4.24
CA ALA A 368 -15.08 -13.79 -5.44
C ALA A 368 -13.66 -14.10 -5.81
N LEU A 369 -13.31 -13.75 -7.04
CA LEU A 369 -11.95 -13.80 -7.55
C LEU A 369 -11.55 -12.38 -7.93
N TRP A 370 -10.47 -11.85 -7.35
CA TRP A 370 -9.96 -10.55 -7.77
C TRP A 370 -8.70 -10.74 -8.60
N HIS A 371 -8.62 -10.06 -9.74
CA HIS A 371 -7.44 -10.15 -10.61
C HIS A 371 -6.71 -8.81 -10.67
N PRO A 372 -5.48 -8.74 -10.14
CA PRO A 372 -4.77 -7.47 -10.07
C PRO A 372 -4.12 -7.09 -11.39
N VAL A 373 -3.83 -5.81 -11.57
CA VAL A 373 -3.07 -5.37 -12.71
C VAL A 373 -1.61 -5.46 -12.30
N ARG A 374 -0.70 -5.49 -13.24
CA ARG A 374 0.71 -5.45 -12.88
C ARG A 374 1.48 -4.72 -13.99
N GLY A 375 2.76 -4.42 -13.78
CA GLY A 375 3.53 -3.80 -14.85
C GLY A 375 3.59 -2.29 -14.67
N TRP A 376 3.95 -1.60 -15.76
CA TRP A 376 4.30 -0.17 -15.68
C TRP A 376 3.77 0.56 -16.90
N1 PLP B . 2.06 7.03 -0.56
C2 PLP B . 3.26 6.67 -1.10
C2A PLP B . 4.03 7.59 -1.99
C3 PLP B . 3.75 5.41 -0.81
O3 PLP B . 4.95 5.05 -1.34
C4 PLP B . 3.04 4.53 0.03
C4A PLP B . 3.60 3.18 0.34
C5 PLP B . 1.83 4.91 0.58
C6 PLP B . 1.35 6.17 0.26
C5A PLP B . 1.02 3.97 1.49
O4P PLP B . 1.78 3.48 2.60
P PLP B . 1.51 2.08 3.37
O1P PLP B . 2.14 2.14 4.71
O2P PLP B . 2.05 0.93 2.59
O3P PLP B . 0.02 1.88 3.53
CL CL C . 11.54 -11.00 -3.41
ZN ZN D . 4.11 -2.39 1.25
C 2RA E . 7.11 0.34 -0.59
N 2RA E . 7.09 2.60 -1.56
O 2RA E . 8.33 0.40 -0.74
CA 2RA E . 6.36 1.65 -0.71
CB 2RA E . 6.22 2.24 0.70
NG 2RA E . 4.92 2.91 0.78
OXT 2RA E . 6.48 -0.69 -0.26
#